data_2Z9Z
#
_entry.id   2Z9Z
#
_cell.length_a   40.768
_cell.length_b   75.374
_cell.length_c   42.439
_cell.angle_alpha   90.00
_cell.angle_beta   108.85
_cell.angle_gamma   90.00
#
_symmetry.space_group_name_H-M   'P 1 21 1'
#
loop_
_entity.id
_entity.type
_entity.pdbx_description
1 polymer 'Lipid-transfer protein CERT'
2 non-polymer '(2S)-3-hydroxypropane-1,2-diyl didecanoate'
3 water water
#
_entity_poly.entity_id   1
_entity_poly.type   'polypeptide(L)'
_entity_poly.pdbx_seq_one_letter_code
;SNSLHWPTSLPSGDAFSSVGTHRFVQKVEEMVQNHMTYSLQDVGGDANWQLVVEEGEMKVYRREVEENGIVLDPLKATHA
VKGVTGHEVCNYFWNVDVRNDWETTIENFHVVETLADNAIIIYQTHKRVWPASQRDVLYLSVIRKIPALTENDPETWIVC
AFSVDHDSAPLNNRCVRAKINVAMICQTLVSPPEGNQEISRDNILCKITYVANVNPGGWAPASVLRAVAKREYPKFLKRF
TSYVQEKTAGKPILF
;
_entity_poly.pdbx_strand_id   A
#
loop_
_chem_comp.id
_chem_comp.type
_chem_comp.name
_chem_comp.formula
DDR non-polymer '(2S)-3-hydroxypropane-1,2-diyl didecanoate' 'C23 H44 O5'
#
# COMPACT_ATOMS: atom_id res chain seq x y z
N THR A 21 8.84 -4.64 20.36
CA THR A 21 8.98 -5.80 21.30
C THR A 21 9.08 -7.16 20.59
N HIS A 22 8.30 -7.36 19.53
CA HIS A 22 8.13 -8.69 18.92
C HIS A 22 9.36 -9.09 18.08
N ARG A 23 9.40 -10.34 17.63
CA ARG A 23 10.59 -10.90 16.94
C ARG A 23 10.93 -10.24 15.60
N PHE A 24 9.92 -9.66 14.93
CA PHE A 24 10.12 -8.97 13.65
C PHE A 24 10.40 -7.47 13.73
N VAL A 25 10.57 -6.94 14.95
CA VAL A 25 10.75 -5.51 15.12
C VAL A 25 11.88 -4.90 14.31
N GLN A 26 13.02 -5.59 14.23
CA GLN A 26 14.18 -5.05 13.53
C GLN A 26 13.95 -5.02 12.02
N LYS A 27 13.31 -6.07 11.51
CA LYS A 27 12.96 -6.16 10.09
C LYS A 27 11.93 -5.09 9.73
N VAL A 28 10.91 -4.94 10.58
CA VAL A 28 9.88 -3.89 10.40
C VAL A 28 10.55 -2.53 10.33
N GLU A 29 11.40 -2.21 11.31
CA GLU A 29 12.06 -0.91 11.33
C GLU A 29 12.99 -0.67 10.14
N GLU A 30 13.58 -1.74 9.64
CA GLU A 30 14.45 -1.64 8.48
C GLU A 30 13.61 -1.36 7.23
N MET A 31 12.50 -2.07 7.09
CA MET A 31 11.60 -1.87 5.96
C MET A 31 11.00 -0.47 5.97
N VAL A 32 10.59 0.01 7.15
CA VAL A 32 10.02 1.35 7.28
C VAL A 32 11.05 2.39 6.96
N GLN A 33 12.27 2.24 7.48
CA GLN A 33 13.32 3.21 7.18
C GLN A 33 13.69 3.20 5.69
N ASN A 34 13.73 2.02 5.09
CA ASN A 34 14.00 1.92 3.65
C ASN A 34 12.93 2.64 2.83
N HIS A 35 11.66 2.42 3.17
CA HIS A 35 10.59 3.12 2.44
C HIS A 35 10.70 4.62 2.68
N MET A 36 10.94 5.02 3.92
CA MET A 36 11.10 6.44 4.23
C MET A 36 12.26 7.12 3.49
N THR A 37 13.33 6.38 3.28
CA THR A 37 14.53 6.92 2.63
C THR A 37 14.45 6.86 1.11
N TYR A 38 13.94 5.75 0.58
CA TYR A 38 13.99 5.48 -0.87
C TYR A 38 12.67 5.67 -1.62
N SER A 39 11.56 5.38 -0.95
CA SER A 39 10.28 5.30 -1.62
C SER A 39 9.63 6.66 -1.84
N LEU A 40 10.05 7.67 -1.08
CA LEU A 40 9.51 9.02 -1.20
C LEU A 40 10.27 9.95 -2.18
N GLN A 41 11.37 9.46 -2.75
CA GLN A 41 12.08 10.24 -3.77
C GLN A 41 11.14 10.43 -4.96
N ASP A 42 11.18 11.61 -5.58
CA ASP A 42 10.31 11.89 -6.74
C ASP A 42 10.79 11.14 -7.97
N VAL A 43 9.93 10.30 -8.53
CA VAL A 43 10.26 9.48 -9.71
C VAL A 43 9.80 10.16 -11.01
N GLY A 44 9.09 11.28 -10.85
CA GLY A 44 8.60 12.06 -11.99
C GLY A 44 9.72 12.56 -12.88
N GLY A 45 10.84 12.93 -12.26
CA GLY A 45 12.04 13.36 -12.97
C GLY A 45 13.08 12.25 -13.18
N ASP A 46 12.78 11.05 -12.69
CA ASP A 46 13.70 9.92 -12.82
C ASP A 46 13.51 9.22 -14.15
N ALA A 47 14.51 9.38 -15.01
CA ALA A 47 14.42 8.89 -16.38
C ALA A 47 14.40 7.38 -16.48
N ASN A 48 14.73 6.68 -15.40
CA ASN A 48 14.63 5.22 -15.38
C ASN A 48 13.20 4.70 -15.11
N TRP A 49 12.30 5.61 -14.73
CA TRP A 49 10.91 5.25 -14.50
C TRP A 49 10.03 5.81 -15.61
N GLN A 50 8.93 5.11 -15.87
CA GLN A 50 7.97 5.51 -16.87
C GLN A 50 6.61 5.74 -16.25
N LEU A 51 6.02 6.89 -16.55
CA LEU A 51 4.63 7.18 -16.16
C LEU A 51 3.68 6.42 -17.09
N VAL A 52 3.01 5.42 -16.54
CA VAL A 52 2.24 4.49 -17.35
C VAL A 52 0.73 4.67 -17.30
N VAL A 53 0.24 5.31 -16.24
CA VAL A 53 -1.20 5.60 -16.10
C VAL A 53 -1.31 6.91 -15.35
N GLU A 54 -2.18 7.78 -15.87
CA GLU A 54 -2.61 8.96 -15.17
C GLU A 54 -4.15 9.06 -15.20
N GLU A 55 -4.72 9.44 -14.06
CA GLU A 55 -6.15 9.75 -13.96
C GLU A 55 -6.36 10.69 -12.78
N GLY A 56 -6.84 11.90 -13.07
CA GLY A 56 -7.03 12.89 -12.03
C GLY A 56 -5.72 13.23 -11.34
N GLU A 57 -5.70 13.03 -10.02
CA GLU A 57 -4.56 13.39 -9.19
C GLU A 57 -3.60 12.21 -9.04
N MET A 58 -3.98 11.08 -9.60
CA MET A 58 -3.22 9.83 -9.52
C MET A 58 -2.23 9.67 -10.69
N LYS A 59 -0.98 9.30 -10.37
CA LYS A 59 0.00 9.02 -11.41
C LYS A 59 0.66 7.72 -11.02
N VAL A 60 0.76 6.78 -11.97
CA VAL A 60 1.32 5.45 -11.68
C VAL A 60 2.53 5.26 -12.55
N TYR A 61 3.65 4.89 -11.91
CA TYR A 61 4.90 4.71 -12.63
C TYR A 61 5.42 3.30 -12.46
N ARG A 62 6.26 2.88 -13.41
CA ARG A 62 7.02 1.67 -13.18
C ARG A 62 8.40 1.69 -13.79
N ARG A 63 9.23 0.76 -13.30
CA ARG A 63 10.58 0.56 -13.79
C ARG A 63 10.57 -0.86 -14.32
N GLU A 64 10.93 -1.05 -15.59
CA GLU A 64 10.92 -2.40 -16.13
C GLU A 64 12.19 -3.11 -15.70
N VAL A 65 12.03 -4.16 -14.91
CA VAL A 65 13.14 -4.89 -14.32
C VAL A 65 12.86 -6.37 -14.46
N GLU A 66 13.89 -7.10 -14.90
CA GLU A 66 13.91 -8.55 -14.84
C GLU A 66 15.20 -9.03 -14.19
N GLU A 67 15.08 -10.09 -13.41
CA GLU A 67 16.24 -10.69 -12.77
C GLU A 67 16.13 -12.20 -12.90
N ASN A 68 17.11 -12.79 -13.60
CA ASN A 68 17.14 -14.23 -13.88
C ASN A 68 15.89 -14.72 -14.63
N GLY A 69 15.49 -13.93 -15.64
CA GLY A 69 14.35 -14.26 -16.51
C GLY A 69 12.96 -13.84 -16.03
N ILE A 70 12.88 -13.29 -14.81
CA ILE A 70 11.58 -13.07 -14.16
C ILE A 70 11.26 -11.58 -13.91
N VAL A 71 10.03 -11.19 -14.25
CA VAL A 71 9.56 -9.78 -14.22
C VAL A 71 9.30 -9.29 -12.80
N LEU A 72 10.05 -8.26 -12.40
CA LEU A 72 10.00 -7.76 -11.03
C LEU A 72 9.54 -6.31 -10.95
N ASP A 73 9.20 -5.74 -12.11
CA ASP A 73 8.85 -4.33 -12.27
C ASP A 73 8.40 -3.62 -11.00
N PRO A 74 9.29 -2.85 -10.37
CA PRO A 74 8.82 -2.00 -9.27
C PRO A 74 7.75 -1.01 -9.77
N LEU A 75 6.76 -0.74 -8.92
CA LEU A 75 5.66 0.15 -9.27
C LEU A 75 5.57 1.17 -8.18
N LYS A 76 5.28 2.42 -8.55
CA LYS A 76 5.08 3.45 -7.58
C LYS A 76 3.97 4.35 -8.09
N ALA A 77 3.06 4.74 -7.20
CA ALA A 77 1.96 5.61 -7.57
C ALA A 77 1.95 6.77 -6.58
N THR A 78 1.62 7.96 -7.08
CA THR A 78 1.34 9.08 -6.18
C THR A 78 -0.10 9.53 -6.40
N HIS A 79 -0.69 10.13 -5.35
CA HIS A 79 -2.09 10.52 -5.38
C HIS A 79 -2.25 11.61 -4.32
N ALA A 80 -3.29 12.41 -4.46
CA ALA A 80 -3.59 13.43 -3.46
C ALA A 80 -5.11 13.41 -3.30
N VAL A 81 -5.58 13.25 -2.07
CA VAL A 81 -6.97 12.93 -1.80
C VAL A 81 -7.53 13.99 -0.84
N LYS A 82 -8.45 14.79 -1.34
CA LYS A 82 -9.09 15.85 -0.53
C LYS A 82 -9.91 15.27 0.60
N GLY A 83 -9.79 15.90 1.77
CA GLY A 83 -10.75 15.70 2.87
C GLY A 83 -10.56 14.49 3.73
N VAL A 84 -9.37 13.88 3.64
CA VAL A 84 -8.99 12.76 4.52
C VAL A 84 -7.57 12.96 5.06
N THR A 85 -7.25 12.27 6.16
CA THR A 85 -5.93 12.37 6.77
C THR A 85 -5.17 11.08 6.49
N GLY A 86 -3.85 11.18 6.59
CA GLY A 86 -2.95 10.00 6.43
C GLY A 86 -3.32 8.95 7.46
N HIS A 87 -3.64 9.39 8.68
CA HIS A 87 -4.07 8.44 9.72
C HIS A 87 -5.28 7.63 9.28
N GLU A 88 -6.33 8.27 8.77
CA GLU A 88 -7.54 7.59 8.30
C GLU A 88 -7.24 6.65 7.14
N VAL A 89 -6.49 7.17 6.17
CA VAL A 89 -6.14 6.36 4.99
C VAL A 89 -5.42 5.07 5.42
N CYS A 90 -4.40 5.21 6.26
CA CYS A 90 -3.62 4.06 6.70
C CYS A 90 -4.47 3.13 7.58
N ASN A 91 -5.28 3.70 8.48
CA ASN A 91 -6.23 2.87 9.24
C ASN A 91 -7.09 2.00 8.33
N TYR A 92 -7.67 2.60 7.29
CA TYR A 92 -8.56 1.88 6.40
C TYR A 92 -7.81 0.82 5.57
N PHE A 93 -6.57 1.13 5.19
CA PHE A 93 -5.72 0.25 4.38
C PHE A 93 -5.28 -0.97 5.19
N TRP A 94 -5.00 -0.75 6.47
CA TRP A 94 -4.48 -1.79 7.39
C TRP A 94 -5.55 -2.65 8.04
N ASN A 95 -6.71 -2.05 8.31
CA ASN A 95 -7.78 -2.71 9.05
C ASN A 95 -8.38 -3.89 8.29
N VAL A 96 -8.13 -5.11 8.77
CA VAL A 96 -8.66 -6.30 8.11
C VAL A 96 -10.20 -6.34 8.15
N ASP A 97 -10.78 -5.81 9.23
CA ASP A 97 -12.24 -5.72 9.38
C ASP A 97 -12.95 -5.06 8.19
N VAL A 98 -12.23 -4.25 7.42
CA VAL A 98 -12.82 -3.51 6.29
C VAL A 98 -12.27 -3.84 4.88
N ARG A 99 -11.36 -4.81 4.79
CA ARG A 99 -10.74 -5.22 3.50
C ARG A 99 -11.73 -5.57 2.39
N ASN A 100 -12.79 -6.29 2.78
CA ASN A 100 -13.83 -6.76 1.85
C ASN A 100 -14.53 -5.64 1.08
N ASP A 101 -14.71 -4.49 1.74
CA ASP A 101 -15.48 -3.37 1.20
C ASP A 101 -14.79 -2.70 0.02
N TRP A 102 -13.46 -2.79 -0.03
CA TRP A 102 -12.71 -2.07 -1.07
C TRP A 102 -11.85 -2.96 -1.98
N GLU A 103 -11.31 -4.03 -1.41
CA GLU A 103 -10.40 -4.91 -2.15
C GLU A 103 -11.17 -5.90 -3.03
N THR A 104 -10.72 -6.07 -4.28
CA THR A 104 -11.41 -6.93 -5.24
C THR A 104 -10.65 -8.21 -5.66
N THR A 105 -9.31 -8.14 -5.70
CA THR A 105 -8.47 -9.29 -6.10
C THR A 105 -8.28 -10.40 -5.05
N ILE A 106 -8.66 -10.16 -3.80
CA ILE A 106 -8.49 -11.17 -2.74
C ILE A 106 -9.68 -12.13 -2.65
N GLU A 107 -9.38 -13.42 -2.59
CA GLU A 107 -10.38 -14.48 -2.51
C GLU A 107 -10.70 -14.86 -1.07
N ASN A 108 -9.66 -15.18 -0.30
CA ASN A 108 -9.78 -15.50 1.12
C ASN A 108 -8.54 -15.05 1.87
N PHE A 109 -8.71 -14.71 3.15
CA PHE A 109 -7.57 -14.39 4.01
C PHE A 109 -7.91 -14.54 5.48
N HIS A 110 -6.88 -14.70 6.30
CA HIS A 110 -7.06 -14.70 7.74
C HIS A 110 -5.79 -14.21 8.44
N VAL A 111 -5.95 -13.67 9.64
CA VAL A 111 -4.82 -13.28 10.48
C VAL A 111 -4.19 -14.57 11.10
N VAL A 112 -2.95 -14.85 10.73
CA VAL A 112 -2.24 -16.05 11.21
C VAL A 112 -1.70 -15.86 12.63
N GLU A 113 -1.29 -14.64 12.95
CA GLU A 113 -0.78 -14.32 14.26
C GLU A 113 -0.89 -12.82 14.47
N THR A 114 -1.12 -12.43 15.72
CA THR A 114 -1.08 -11.03 16.09
C THR A 114 0.22 -10.83 16.85
N LEU A 115 1.05 -9.95 16.33
CA LEU A 115 2.35 -9.69 16.91
C LEU A 115 2.26 -8.57 17.91
N ALA A 116 1.42 -7.58 17.60
CA ALA A 116 1.25 -6.39 18.40
C ALA A 116 -0.08 -5.73 18.02
N ASP A 117 -0.40 -4.64 18.72
CA ASP A 117 -1.61 -3.85 18.44
C ASP A 117 -1.62 -3.45 16.95
N ASN A 118 -0.43 -3.14 16.44
CA ASN A 118 -0.25 -2.54 15.12
C ASN A 118 0.43 -3.44 14.08
N ALA A 119 0.63 -4.71 14.43
CA ALA A 119 1.41 -5.62 13.57
C ALA A 119 0.82 -6.99 13.58
N ILE A 120 0.48 -7.47 12.39
CA ILE A 120 -0.21 -8.74 12.23
C ILE A 120 0.39 -9.53 11.06
N ILE A 121 0.30 -10.85 11.14
CA ILE A 121 0.71 -11.69 10.01
C ILE A 121 -0.53 -12.26 9.36
N ILE A 122 -0.63 -12.02 8.06
CA ILE A 122 -1.83 -12.33 7.29
C ILE A 122 -1.48 -13.38 6.26
N TYR A 123 -2.31 -14.41 6.17
CA TYR A 123 -2.23 -15.32 5.02
C TYR A 123 -3.42 -15.01 4.14
N GLN A 124 -3.20 -15.00 2.82
CA GLN A 124 -4.29 -14.76 1.86
C GLN A 124 -4.06 -15.41 0.50
N THR A 125 -5.18 -15.72 -0.16
CA THR A 125 -5.21 -16.22 -1.54
C THR A 125 -5.86 -15.16 -2.42
N HIS A 126 -5.43 -15.11 -3.68
CA HIS A 126 -5.92 -14.13 -4.63
C HIS A 126 -6.73 -14.79 -5.70
N LYS A 127 -7.78 -14.09 -6.14
CA LYS A 127 -8.53 -14.47 -7.32
C LYS A 127 -7.59 -14.44 -8.52
N ARG A 128 -7.83 -15.31 -9.49
CA ARG A 128 -7.04 -15.32 -10.72
C ARG A 128 -7.19 -13.99 -11.45
N VAL A 129 -6.08 -13.27 -11.59
CA VAL A 129 -6.06 -12.03 -12.39
C VAL A 129 -5.44 -12.20 -13.78
N TRP A 130 -4.76 -13.33 -13.98
CA TRP A 130 -4.45 -13.81 -15.32
C TRP A 130 -4.75 -15.32 -15.35
N PRO A 131 -5.03 -15.91 -16.54
CA PRO A 131 -5.40 -17.32 -16.49
C PRO A 131 -4.22 -18.21 -16.09
N ALA A 132 -4.16 -18.55 -14.81
CA ALA A 132 -3.13 -19.41 -14.22
C ALA A 132 -3.61 -19.86 -12.85
N SER A 133 -2.80 -20.66 -12.16
CA SER A 133 -3.08 -21.02 -10.77
C SER A 133 -3.20 -19.76 -9.91
N GLN A 134 -3.92 -19.87 -8.81
CA GLN A 134 -4.06 -18.75 -7.89
C GLN A 134 -2.74 -18.50 -7.18
N ARG A 135 -2.52 -17.26 -6.78
CA ARG A 135 -1.38 -16.90 -5.94
C ARG A 135 -1.83 -16.84 -4.52
N ASP A 136 -0.97 -17.28 -3.60
CA ASP A 136 -1.17 -16.92 -2.20
C ASP A 136 0.00 -16.06 -1.69
N VAL A 137 -0.18 -15.44 -0.52
CA VAL A 137 0.80 -14.53 0.06
C VAL A 137 0.77 -14.69 1.56
N LEU A 138 1.92 -14.55 2.18
CA LEU A 138 2.05 -14.59 3.63
C LEU A 138 2.95 -13.44 4.01
N TYR A 139 2.40 -12.43 4.70
CA TYR A 139 3.11 -11.20 4.93
C TYR A 139 2.80 -10.59 6.28
N LEU A 140 3.75 -9.84 6.80
CA LEU A 140 3.56 -9.05 8.02
C LEU A 140 3.03 -7.71 7.54
N SER A 141 1.95 -7.24 8.18
CA SER A 141 1.31 -5.95 7.84
C SER A 141 1.33 -5.15 9.10
N VAL A 142 1.95 -3.98 9.03
CA VAL A 142 2.18 -3.19 10.21
C VAL A 142 1.76 -1.78 9.86
N ILE A 143 1.18 -1.10 10.85
CA ILE A 143 0.88 0.33 10.72
C ILE A 143 1.69 1.12 11.72
N ARG A 144 2.35 2.17 11.22
CA ARG A 144 3.29 2.94 12.01
C ARG A 144 3.08 4.42 11.80
N LYS A 145 3.17 5.17 12.90
CA LYS A 145 3.26 6.61 12.80
C LYS A 145 4.73 6.97 12.92
N ILE A 146 5.21 7.71 11.92
CA ILE A 146 6.56 8.24 11.94
C ILE A 146 6.42 9.71 12.34
N PRO A 147 6.92 10.06 13.54
CA PRO A 147 6.85 11.41 14.03
C PRO A 147 7.56 12.37 13.10
N ALA A 148 7.03 13.58 12.99
CA ALA A 148 7.71 14.65 12.30
C ALA A 148 8.91 15.08 13.14
N LEU A 149 9.98 15.53 12.48
CA LEU A 149 11.17 15.96 13.19
C LEU A 149 10.97 17.38 13.72
N THR A 150 9.98 18.04 13.14
CA THR A 150 9.53 19.36 13.55
C THR A 150 8.00 19.46 13.40
N GLU A 151 7.39 20.36 14.18
CA GLU A 151 5.94 20.61 14.09
C GLU A 151 5.53 21.37 12.83
N ASN A 152 6.53 21.77 12.03
CA ASN A 152 6.32 22.43 10.73
C ASN A 152 6.13 21.46 9.57
N ASP A 153 6.48 20.19 9.80
CA ASP A 153 6.41 19.16 8.77
C ASP A 153 5.33 18.13 9.11
N PRO A 154 4.74 17.49 8.08
CA PRO A 154 3.68 16.53 8.40
C PRO A 154 4.29 15.31 9.06
N GLU A 155 3.53 14.66 9.92
CA GLU A 155 3.90 13.34 10.41
C GLU A 155 3.62 12.41 9.24
N THR A 156 4.24 11.23 9.26
CA THR A 156 3.98 10.28 8.21
C THR A 156 3.32 9.06 8.81
N TRP A 157 2.21 8.64 8.23
CA TRP A 157 1.64 7.34 8.52
C TRP A 157 2.03 6.38 7.40
N ILE A 158 2.42 5.17 7.80
CA ILE A 158 2.84 4.15 6.82
C ILE A 158 2.27 2.81 7.18
N VAL A 159 1.82 2.06 6.18
CA VAL A 159 1.47 0.67 6.35
C VAL A 159 2.44 -0.08 5.45
N CYS A 160 3.21 -0.97 6.04
CA CYS A 160 4.15 -1.81 5.30
C CYS A 160 3.64 -3.23 5.31
N ALA A 161 3.67 -3.89 4.14
CA ALA A 161 3.23 -5.25 3.98
C ALA A 161 4.37 -5.98 3.26
N PHE A 162 4.95 -6.96 3.93
CA PHE A 162 6.09 -7.66 3.36
C PHE A 162 6.08 -9.14 3.74
N SER A 163 6.43 -9.95 2.75
CA SER A 163 6.45 -11.38 2.94
C SER A 163 7.34 -11.86 4.11
N VAL A 164 6.79 -12.80 4.84
CA VAL A 164 7.50 -13.50 5.91
C VAL A 164 7.17 -14.97 5.82
N ASP A 165 7.94 -15.79 6.56
CA ASP A 165 7.68 -17.21 6.75
C ASP A 165 6.90 -17.38 8.06
N HIS A 166 6.06 -18.42 8.09
CA HIS A 166 5.43 -18.84 9.34
C HIS A 166 5.22 -20.34 9.30
N ASP A 167 5.59 -21.02 10.38
CA ASP A 167 5.47 -22.49 10.47
C ASP A 167 4.05 -22.95 10.17
N SER A 168 3.08 -22.12 10.51
CA SER A 168 1.65 -22.44 10.35
C SER A 168 1.10 -22.23 8.94
N ALA A 169 1.82 -21.50 8.10
CA ALA A 169 1.44 -21.41 6.67
C ALA A 169 2.61 -21.78 5.74
N PRO A 170 2.85 -23.10 5.56
CA PRO A 170 3.92 -23.52 4.65
C PRO A 170 3.46 -23.37 3.20
N LEU A 171 4.37 -23.55 2.24
CA LEU A 171 3.99 -23.59 0.84
C LEU A 171 3.02 -24.74 0.59
N ASN A 172 2.03 -24.53 -0.27
CA ASN A 172 1.10 -25.59 -0.63
C ASN A 172 1.01 -25.80 -2.15
N ASN A 173 0.39 -26.90 -2.55
CA ASN A 173 0.36 -27.36 -3.95
C ASN A 173 -0.76 -26.79 -4.81
N ARG A 174 -1.69 -26.06 -4.21
CA ARG A 174 -2.79 -25.48 -4.97
C ARG A 174 -2.46 -24.07 -5.46
N CYS A 175 -1.57 -23.38 -4.74
CA CYS A 175 -1.23 -21.99 -5.03
C CYS A 175 0.24 -21.76 -5.31
N VAL A 176 0.52 -20.72 -6.09
CA VAL A 176 1.89 -20.22 -6.21
C VAL A 176 2.10 -19.15 -5.14
N ARG A 177 3.21 -19.25 -4.42
CA ARG A 177 3.53 -18.30 -3.36
C ARG A 177 4.19 -17.04 -3.94
N ALA A 178 3.43 -15.94 -3.94
CA ALA A 178 3.96 -14.63 -4.32
C ALA A 178 4.76 -14.08 -3.17
N LYS A 179 5.73 -13.23 -3.50
CA LYS A 179 6.49 -12.51 -2.50
C LYS A 179 6.33 -11.01 -2.69
N ILE A 180 5.98 -10.32 -1.62
CA ILE A 180 5.65 -8.90 -1.73
C ILE A 180 6.45 -7.98 -0.82
N ASN A 181 6.59 -6.75 -1.29
CA ASN A 181 7.04 -5.66 -0.47
C ASN A 181 6.24 -4.45 -0.93
N VAL A 182 5.28 -4.04 -0.11
CA VAL A 182 4.27 -3.03 -0.48
C VAL A 182 4.23 -2.01 0.65
N ALA A 183 4.06 -0.74 0.31
CA ALA A 183 3.86 0.28 1.34
C ALA A 183 2.87 1.30 0.85
N MET A 184 2.03 1.79 1.76
CA MET A 184 1.31 3.03 1.52
C MET A 184 1.75 4.03 2.54
N ILE A 185 2.15 5.18 2.05
CA ILE A 185 2.83 6.19 2.86
C ILE A 185 2.02 7.46 2.71
N CYS A 186 1.61 8.07 3.82
CA CYS A 186 0.66 9.17 3.72
C CYS A 186 1.05 10.32 4.60
N GLN A 187 0.92 11.54 4.06
CA GLN A 187 1.16 12.75 4.85
C GLN A 187 -0.04 13.68 4.68
N THR A 188 -0.38 14.38 5.77
CA THR A 188 -1.60 15.19 5.77
C THR A 188 -1.18 16.64 5.72
N LEU A 189 -1.69 17.36 4.73
CA LEU A 189 -1.52 18.79 4.65
C LEU A 189 -2.77 19.40 5.27
N VAL A 190 -2.55 20.33 6.19
CA VAL A 190 -3.65 21.03 6.83
C VAL A 190 -3.45 22.54 6.67
N SER A 191 -4.49 23.22 6.20
CA SER A 191 -4.41 24.65 5.98
C SER A 191 -5.50 25.32 6.83
N PRO A 192 -5.14 25.75 8.05
CA PRO A 192 -6.14 26.27 8.98
C PRO A 192 -6.96 27.40 8.34
N PRO A 193 -8.24 27.50 8.69
CA PRO A 193 -9.10 28.49 8.05
C PRO A 193 -8.94 29.87 8.67
N GLU A 194 -9.75 30.81 8.18
CA GLU A 194 -9.82 32.16 8.70
C GLU A 194 -11.13 32.28 9.46
N GLY A 195 -11.10 32.96 10.61
CA GLY A 195 -12.32 33.19 11.39
C GLY A 195 -12.26 32.63 12.80
N ASN A 196 -13.29 31.89 13.18
CA ASN A 196 -13.51 31.49 14.58
C ASN A 196 -14.35 30.23 14.95
N GLN A 197 -14.80 29.31 14.06
CA GLN A 197 -14.35 28.89 12.71
C GLN A 197 -13.33 27.75 12.67
N GLU A 198 -13.83 26.54 12.93
CA GLU A 198 -13.01 25.34 13.10
C GLU A 198 -12.54 24.80 11.76
N ILE A 199 -11.43 24.08 11.77
CA ILE A 199 -10.99 23.39 10.56
C ILE A 199 -11.98 22.28 10.22
N SER A 200 -12.26 22.12 8.93
CA SER A 200 -13.16 21.09 8.43
C SER A 200 -12.37 20.22 7.45
N ARG A 201 -13.05 19.23 6.86
CA ARG A 201 -12.44 18.35 5.85
C ARG A 201 -12.08 19.11 4.58
N ASP A 202 -12.60 20.33 4.45
CA ASP A 202 -12.21 21.19 3.37
C ASP A 202 -10.81 21.73 3.53
N ASN A 203 -10.28 21.71 4.75
CA ASN A 203 -8.98 22.28 5.03
C ASN A 203 -7.85 21.23 5.01
N ILE A 204 -8.17 20.02 4.59
CA ILE A 204 -7.18 18.91 4.66
C ILE A 204 -7.01 18.16 3.33
N LEU A 205 -5.78 17.70 3.10
CA LEU A 205 -5.45 16.94 1.88
C LEU A 205 -4.39 15.90 2.25
N CYS A 206 -4.59 14.67 1.79
CA CYS A 206 -3.66 13.59 2.13
C CYS A 206 -2.84 13.26 0.89
N LYS A 207 -1.53 13.43 0.99
CA LYS A 207 -0.61 13.05 -0.07
C LYS A 207 -0.27 11.60 0.13
N ILE A 208 -0.47 10.81 -0.91
CA ILE A 208 -0.20 9.39 -0.85
C ILE A 208 0.98 9.00 -1.75
N THR A 209 1.85 8.13 -1.23
CA THR A 209 2.77 7.38 -2.11
C THR A 209 2.52 5.91 -1.84
N TYR A 210 2.32 5.14 -2.91
CA TYR A 210 2.08 3.71 -2.80
C TYR A 210 3.17 3.02 -3.63
N VAL A 211 3.84 2.05 -3.03
CA VAL A 211 4.90 1.28 -3.75
C VAL A 211 4.56 -0.21 -3.66
N ALA A 212 4.74 -0.93 -4.77
CA ALA A 212 4.57 -2.36 -4.75
C ALA A 212 5.75 -2.97 -5.52
N ASN A 213 6.46 -3.87 -4.84
CA ASN A 213 7.52 -4.67 -5.44
C ASN A 213 7.06 -6.08 -5.21
N VAL A 214 6.64 -6.74 -6.28
CA VAL A 214 6.00 -8.03 -6.18
C VAL A 214 6.72 -9.02 -7.09
N ASN A 215 7.04 -10.19 -6.53
CA ASN A 215 7.52 -11.32 -7.32
C ASN A 215 6.37 -12.31 -7.44
N PRO A 216 5.81 -12.48 -8.66
CA PRO A 216 4.58 -13.25 -8.80
C PRO A 216 4.77 -14.74 -8.53
N GLY A 217 6.03 -15.16 -8.45
CA GLY A 217 6.39 -16.57 -8.32
C GLY A 217 6.12 -17.28 -9.62
N GLY A 218 6.56 -18.53 -9.72
CA GLY A 218 6.26 -19.34 -10.90
C GLY A 218 6.73 -18.66 -12.19
N TRP A 219 5.90 -18.78 -13.23
CA TRP A 219 6.22 -18.20 -14.54
C TRP A 219 4.97 -17.67 -15.21
N ALA A 220 5.12 -16.55 -15.92
CA ALA A 220 4.06 -15.97 -16.75
C ALA A 220 4.67 -15.06 -17.82
N PRO A 221 3.97 -14.88 -18.95
CA PRO A 221 4.42 -13.93 -19.98
C PRO A 221 4.63 -12.52 -19.44
N ALA A 222 5.80 -11.93 -19.74
CA ALA A 222 6.08 -10.56 -19.37
C ALA A 222 4.92 -9.61 -19.74
N SER A 223 4.42 -9.75 -20.96
CA SER A 223 3.40 -8.87 -21.53
C SER A 223 2.04 -8.95 -20.79
N VAL A 224 1.64 -10.14 -20.38
CA VAL A 224 0.38 -10.30 -19.65
C VAL A 224 0.52 -9.70 -18.23
N LEU A 225 1.66 -9.97 -17.58
CA LEU A 225 1.94 -9.53 -16.22
C LEU A 225 2.00 -8.02 -16.14
N ARG A 226 2.57 -7.41 -17.18
CA ARG A 226 2.64 -5.95 -17.29
C ARG A 226 1.26 -5.32 -17.58
N ALA A 227 0.44 -6.02 -18.37
CA ALA A 227 -0.95 -5.62 -18.62
C ALA A 227 -1.79 -5.70 -17.35
N VAL A 228 -1.65 -6.79 -16.60
CA VAL A 228 -2.40 -6.98 -15.34
C VAL A 228 -2.02 -5.86 -14.34
N ALA A 229 -0.72 -5.61 -14.17
CA ALA A 229 -0.24 -4.55 -13.29
C ALA A 229 -0.84 -3.19 -13.65
N LYS A 230 -0.76 -2.82 -14.92
CA LYS A 230 -1.27 -1.54 -15.40
C LYS A 230 -2.78 -1.39 -15.17
N ARG A 231 -3.49 -2.51 -15.15
CA ARG A 231 -4.94 -2.54 -14.91
C ARG A 231 -5.28 -2.48 -13.42
N GLU A 232 -4.68 -3.39 -12.65
CA GLU A 232 -5.11 -3.67 -11.29
C GLU A 232 -4.71 -2.61 -10.27
N TYR A 233 -3.51 -2.02 -10.41
CA TYR A 233 -3.07 -1.02 -9.43
C TYR A 233 -3.86 0.32 -9.45
N PRO A 234 -4.01 0.96 -10.63
CA PRO A 234 -4.86 2.18 -10.63
C PRO A 234 -6.33 1.91 -10.24
N LYS A 235 -6.83 0.72 -10.57
CA LYS A 235 -8.18 0.30 -10.21
C LYS A 235 -8.36 0.27 -8.69
N PHE A 236 -7.40 -0.39 -8.05
CA PHE A 236 -7.34 -0.48 -6.60
C PHE A 236 -7.23 0.91 -5.97
N LEU A 237 -6.32 1.75 -6.47
CA LEU A 237 -6.04 3.06 -5.81
C LEU A 237 -7.22 4.02 -5.94
N LYS A 238 -7.87 4.02 -7.10
CA LYS A 238 -9.09 4.82 -7.29
C LYS A 238 -10.22 4.37 -6.35
N ARG A 239 -10.42 3.06 -6.25
CA ARG A 239 -11.51 2.49 -5.46
C ARG A 239 -11.31 2.65 -3.97
N PHE A 240 -10.08 2.39 -3.53
CA PHE A 240 -9.71 2.51 -2.13
C PHE A 240 -9.78 3.97 -1.67
N THR A 241 -9.22 4.90 -2.45
CA THR A 241 -9.21 6.30 -2.02
C THR A 241 -10.63 6.90 -1.95
N SER A 242 -11.46 6.57 -2.93
CA SER A 242 -12.84 7.07 -2.94
C SER A 242 -13.64 6.45 -1.79
N TYR A 243 -13.31 5.19 -1.45
CA TYR A 243 -13.87 4.50 -0.28
C TYR A 243 -13.60 5.19 1.06
N VAL A 244 -12.34 5.57 1.29
CA VAL A 244 -11.93 6.36 2.47
C VAL A 244 -12.65 7.70 2.50
N GLN A 245 -12.79 8.33 1.33
CA GLN A 245 -13.55 9.58 1.23
C GLN A 245 -15.01 9.39 1.71
N GLU A 246 -15.67 8.35 1.19
CA GLU A 246 -17.08 8.05 1.55
C GLU A 246 -17.25 7.73 3.03
N LYS A 247 -16.31 6.98 3.57
CA LYS A 247 -16.44 6.45 4.92
C LYS A 247 -16.17 7.49 5.98
N THR A 248 -15.46 8.55 5.61
CA THR A 248 -15.06 9.59 6.55
C THR A 248 -15.93 10.83 6.43
N ALA A 249 -16.62 10.95 5.28
CA ALA A 249 -17.43 12.13 5.00
C ALA A 249 -18.37 12.45 6.15
N GLY A 250 -18.33 13.69 6.59
CA GLY A 250 -19.23 14.20 7.64
C GLY A 250 -18.79 13.88 9.06
N LYS A 251 -17.76 13.04 9.19
CA LYS A 251 -17.30 12.58 10.50
C LYS A 251 -16.21 13.47 11.07
N PRO A 252 -16.12 13.57 12.42
CA PRO A 252 -15.00 14.25 13.08
C PRO A 252 -13.67 13.75 12.52
N ILE A 253 -12.71 14.67 12.38
CA ILE A 253 -11.44 14.35 11.75
C ILE A 253 -10.50 13.60 12.67
N LEU A 254 -10.09 12.40 12.23
CA LEU A 254 -9.05 11.66 12.94
C LEU A 254 -7.66 11.98 12.40
N PHE A 255 -6.98 12.92 13.05
CA PHE A 255 -5.63 13.27 12.70
C PHE A 255 -4.62 12.20 13.13
O21 DDR B . -3.28 -7.35 -0.02
C21 DDR B . -2.28 -6.78 0.43
C22 DDR B . -0.97 -6.89 -0.32
C23 DDR B . -1.26 -7.15 -1.80
C24 DDR B . 0.02 -7.13 -2.62
C25 DDR B . -0.23 -7.49 -4.08
C26 DDR B . -0.07 -8.99 -4.31
C27 DDR B . 0.15 -9.30 -5.78
C28 DDR B . 0.40 -10.79 -6.00
C29 DDR B . -0.83 -11.46 -6.60
C30 DDR B . -0.54 -12.04 -7.96
O52 DDR B . -2.37 -6.01 1.66
C52 DDR B . -3.35 -4.97 1.60
C53 DDR B . -3.47 -4.12 2.87
O53 DDR B . -2.54 -4.53 3.88
C51 DDR B . -2.92 -4.00 0.51
O51 DDR B . -3.48 -4.34 -0.75
C1 DDR B . -2.88 -3.72 -1.91
O1 DDR B . -1.70 -3.39 -1.81
C2 DDR B . -3.68 -3.48 -3.18
C3 DDR B . -4.02 -4.73 -3.97
C4 DDR B . -3.89 -4.54 -5.47
C5 DDR B . -2.96 -5.61 -6.04
C6 DDR B . -2.74 -5.50 -7.53
C7 DDR B . -2.54 -6.89 -8.11
C8 DDR B . -1.11 -7.10 -8.61
C9 DDR B . -1.12 -7.65 -10.02
C10 DDR B . 0.13 -8.45 -10.32
#